data_1J7L
#
_entry.id   1J7L
#
_cell.length_a   49.710
_cell.length_b   91.245
_cell.length_c   131.301
_cell.angle_alpha   90.00
_cell.angle_beta   90.00
_cell.angle_gamma   90.00
#
_symmetry.space_group_name_H-M   'P 21 21 21'
#
loop_
_entity.id
_entity.type
_entity.pdbx_description
1 polymer "AMINOGLYCOSIDE 3'-PHOSPHOTRANSFERASE"
2 non-polymer 'MAGNESIUM ION'
3 non-polymer "ADENOSINE-5'-DIPHOSPHATE"
4 water water
#
_entity_poly.entity_id   1
_entity_poly.type   'polypeptide(L)'
_entity_poly.pdbx_seq_one_letter_code
;MAKMRISPELKKLIEKYRCVKDTEGMSPAKVYKLVGENENLYLKMTDSRYKGTTYDVEREKDMMLWLEGKLPVPKVLHFE
RHDGWSNLLMSEADGVLCSEEYEDEQSPEKIIELYAECIRLFHSIDISDCPYTNSLDSRLAELDYLLNNDLADVDCENWE
EDTPFKDPRELYDFLKTEKPEEELVFSHGDLGDSNIFVKDGKVSGFIDLGRSGRADKWYDIAFCVRSIREDIGEEQYVEL
FFDLLGIKPDWEKIKYYILLDELF
;
_entity_poly.pdbx_strand_id   A,B
#
# COMPACT_ATOMS: atom_id res chain seq x y z
N ALA A 2 10.79 4.60 23.31
CA ALA A 2 9.55 4.19 24.02
C ALA A 2 8.35 4.23 23.09
N LYS A 3 8.27 5.27 22.26
CA LYS A 3 7.17 5.41 21.30
C LYS A 3 7.22 4.25 20.31
N MET A 4 6.15 3.45 20.33
CA MET A 4 6.00 2.29 19.46
C MET A 4 4.52 2.18 19.09
N ARG A 5 4.24 1.47 18.01
CA ARG A 5 2.85 1.28 17.58
C ARG A 5 2.24 0.07 18.27
N ILE A 6 3.10 -0.82 18.75
CA ILE A 6 2.64 -2.01 19.45
C ILE A 6 3.18 -1.94 20.88
N SER A 7 2.48 -2.60 21.80
CA SER A 7 2.89 -2.60 23.20
C SER A 7 4.07 -3.54 23.43
N PRO A 8 4.76 -3.35 24.57
CA PRO A 8 5.91 -4.20 24.90
C PRO A 8 5.42 -5.64 24.99
N GLU A 9 4.20 -5.83 25.51
CA GLU A 9 3.61 -7.16 25.64
C GLU A 9 3.43 -7.84 24.28
N LEU A 10 2.93 -7.09 23.30
CA LEU A 10 2.71 -7.61 21.96
C LEU A 10 4.04 -7.83 21.25
N LYS A 11 4.99 -6.91 21.46
CA LYS A 11 6.31 -7.03 20.85
C LYS A 11 6.96 -8.35 21.28
N LYS A 12 6.84 -8.69 22.57
CA LYS A 12 7.41 -9.93 23.09
C LYS A 12 6.78 -11.15 22.44
N LEU A 13 5.48 -11.09 22.19
CA LEU A 13 4.76 -12.19 21.57
C LEU A 13 5.16 -12.45 20.11
N ILE A 14 5.66 -11.42 19.44
CA ILE A 14 6.03 -11.55 18.04
C ILE A 14 7.53 -11.46 17.69
N GLU A 15 8.37 -11.15 18.67
CA GLU A 15 9.80 -11.01 18.46
C GLU A 15 10.47 -12.17 17.75
N LYS A 16 10.05 -13.38 18.10
CA LYS A 16 10.59 -14.62 17.55
C LYS A 16 10.20 -14.88 16.09
N TYR A 17 9.22 -14.13 15.60
CA TYR A 17 8.76 -14.32 14.23
C TYR A 17 9.46 -13.38 13.26
N ARG A 18 9.51 -13.82 12.00
CA ARG A 18 10.12 -13.04 10.93
C ARG A 18 8.98 -12.24 10.29
N CYS A 19 8.99 -10.92 10.46
CA CYS A 19 7.94 -10.07 9.90
C CYS A 19 8.03 -9.85 8.40
N VAL A 20 6.99 -10.27 7.69
CA VAL A 20 6.90 -10.08 6.24
C VAL A 20 5.60 -9.34 5.99
N LYS A 21 5.69 -8.06 5.64
CA LYS A 21 4.49 -7.27 5.39
C LYS A 21 3.73 -7.74 4.16
N ASP A 22 2.42 -7.89 4.31
CA ASP A 22 1.56 -8.33 3.20
C ASP A 22 1.62 -7.24 2.13
N THR A 23 1.82 -7.65 0.89
CA THR A 23 1.95 -6.71 -0.22
C THR A 23 0.66 -6.16 -0.82
N GLU A 24 -0.47 -6.80 -0.55
CA GLU A 24 -1.75 -6.35 -1.10
C GLU A 24 -2.09 -4.90 -0.79
N GLY A 25 -2.14 -4.55 0.50
CA GLY A 25 -2.45 -3.19 0.90
C GLY A 25 -3.72 -2.64 0.27
N MET A 26 -4.77 -3.47 0.21
CA MET A 26 -6.04 -3.07 -0.38
C MET A 26 -6.87 -2.19 0.55
N SER A 27 -6.46 -2.10 1.81
CA SER A 27 -7.16 -1.30 2.79
C SER A 27 -6.16 -0.46 3.57
N PRO A 28 -6.63 0.54 4.33
CA PRO A 28 -5.73 1.39 5.12
C PRO A 28 -5.04 0.63 6.26
N ALA A 29 -5.45 -0.62 6.47
CA ALA A 29 -4.85 -1.45 7.52
C ALA A 29 -3.47 -1.93 7.09
N LYS A 30 -2.60 -2.13 8.07
CA LYS A 30 -1.26 -2.65 7.83
C LYS A 30 -1.37 -4.12 8.21
N VAL A 31 -0.98 -5.00 7.30
CA VAL A 31 -1.05 -6.43 7.54
C VAL A 31 0.33 -7.05 7.51
N TYR A 32 0.62 -7.88 8.51
CA TYR A 32 1.91 -8.53 8.63
C TYR A 32 1.84 -10.02 8.88
N LYS A 33 2.53 -10.77 8.03
CA LYS A 33 2.61 -12.22 8.19
C LYS A 33 3.84 -12.40 9.07
N LEU A 34 3.66 -13.11 10.17
CA LEU A 34 4.76 -13.35 11.09
C LEU A 34 5.21 -14.79 10.93
N VAL A 35 6.26 -14.97 10.13
CA VAL A 35 6.80 -16.30 9.84
C VAL A 35 7.56 -16.88 11.02
N GLY A 36 7.02 -17.95 11.58
CA GLY A 36 7.66 -18.61 12.71
C GLY A 36 8.24 -19.95 12.31
N GLU A 37 8.94 -20.58 13.24
CA GLU A 37 9.56 -21.87 12.99
C GLU A 37 8.52 -22.96 12.77
N ASN A 38 7.43 -22.93 13.53
CA ASN A 38 6.39 -23.96 13.42
C ASN A 38 5.01 -23.52 12.94
N GLU A 39 4.85 -22.23 12.70
CA GLU A 39 3.59 -21.69 12.21
C GLU A 39 3.75 -20.22 11.87
N ASN A 40 2.71 -19.67 11.25
CA ASN A 40 2.71 -18.26 10.90
C ASN A 40 1.55 -17.62 11.65
N LEU A 41 1.72 -16.36 12.02
CA LEU A 41 0.67 -15.62 12.69
C LEU A 41 0.44 -14.38 11.83
N TYR A 42 -0.66 -13.69 12.07
CA TYR A 42 -0.92 -12.49 11.32
C TYR A 42 -1.27 -11.36 12.27
N LEU A 43 -0.70 -10.19 12.01
CA LEU A 43 -0.93 -9.01 12.80
C LEU A 43 -1.53 -7.97 11.88
N LYS A 44 -2.74 -7.54 12.20
CA LYS A 44 -3.43 -6.54 11.40
C LYS A 44 -3.57 -5.30 12.29
N MET A 45 -3.19 -4.15 11.75
CA MET A 45 -3.22 -2.90 12.52
C MET A 45 -3.92 -1.77 11.79
N THR A 46 -4.71 -0.99 12.52
CA THR A 46 -5.39 0.17 11.95
C THR A 46 -5.17 1.38 12.84
N ASP A 47 -4.91 2.53 12.23
CA ASP A 47 -4.65 3.73 12.99
C ASP A 47 -5.93 4.40 13.51
N SER A 48 -5.73 5.33 14.45
CA SER A 48 -6.81 6.06 15.11
C SER A 48 -7.84 6.73 14.22
N ARG A 49 -7.46 7.13 13.02
CA ARG A 49 -8.39 7.79 12.12
C ARG A 49 -9.57 6.91 11.77
N TYR A 50 -9.36 5.59 11.83
CA TYR A 50 -10.40 4.62 11.51
C TYR A 50 -11.07 4.02 12.74
N LYS A 51 -10.77 4.58 13.91
CA LYS A 51 -11.33 4.12 15.16
C LYS A 51 -12.87 4.10 15.10
N GLY A 52 -13.47 2.98 15.48
CA GLY A 52 -14.92 2.87 15.47
C GLY A 52 -15.54 2.53 14.11
N THR A 53 -14.81 2.75 13.04
CA THR A 53 -15.34 2.47 11.70
C THR A 53 -15.25 0.97 11.37
N THR A 54 -15.84 0.58 10.24
CA THR A 54 -15.81 -0.80 9.80
C THR A 54 -14.40 -1.22 9.37
N TYR A 55 -13.47 -0.27 9.35
CA TYR A 55 -12.08 -0.54 9.00
C TYR A 55 -11.27 -0.84 10.27
N ASP A 56 -11.81 -0.47 11.43
CA ASP A 56 -11.14 -0.67 12.72
C ASP A 56 -10.96 -2.17 13.00
N VAL A 57 -9.71 -2.60 13.14
CA VAL A 57 -9.47 -4.01 13.42
C VAL A 57 -10.08 -4.47 14.74
N GLU A 58 -10.34 -3.54 15.65
CA GLU A 58 -10.97 -3.92 16.92
C GLU A 58 -12.33 -4.53 16.57
N ARG A 59 -12.97 -3.96 15.56
CA ARG A 59 -14.26 -4.43 15.09
C ARG A 59 -14.09 -5.86 14.58
N GLU A 60 -12.94 -6.09 13.88
CA GLU A 60 -12.72 -7.09 13.18
C GLU A 60 -12.50 -8.43 14.51
N LYS A 61 -11.80 -8.04 15.57
CA LYS A 61 -11.57 -8.92 16.70
C LYS A 61 -12.88 -9.30 17.37
N ASP A 62 -13.79 -8.33 17.50
CA ASP A 62 -15.10 -8.58 18.10
C ASP A 62 -15.87 -9.60 17.30
N MET A 63 -15.84 -9.46 15.98
CA MET A 63 -16.54 -10.38 15.10
C MET A 63 -15.85 -11.72 15.03
N MET A 64 -14.52 -11.70 15.13
CA MET A 64 -13.74 -12.92 15.09
C MET A 64 -14.07 -13.76 16.32
N LEU A 65 -14.16 -13.11 17.48
CA LEU A 65 -14.49 -13.79 18.72
C LEU A 65 -15.92 -14.32 18.67
N TRP A 66 -16.85 -13.47 18.26
CA TRP A 66 -18.26 -13.84 18.16
C TRP A 66 -18.50 -14.92 17.11
N LEU A 67 -17.70 -14.92 16.04
CA LEU A 67 -17.85 -15.90 14.97
C LEU A 67 -17.24 -17.26 15.30
N GLU A 68 -16.47 -17.35 16.38
CA GLU A 68 -15.87 -18.62 16.77
C GLU A 68 -16.96 -19.66 17.04
N GLY A 69 -16.88 -20.78 16.36
CA GLY A 69 -17.88 -21.83 16.52
C GLY A 69 -19.04 -21.66 15.55
N LYS A 70 -19.06 -20.54 14.83
CA LYS A 70 -20.13 -20.27 13.88
C LYS A 70 -19.60 -20.35 12.45
N LEU A 71 -18.45 -19.73 12.23
CA LEU A 71 -17.79 -19.74 10.93
C LEU A 71 -16.32 -20.02 11.14
N PRO A 72 -15.64 -20.54 10.13
CA PRO A 72 -14.21 -20.85 10.19
C PRO A 72 -13.46 -19.52 10.17
N VAL A 73 -12.97 -19.09 11.33
CA VAL A 73 -12.25 -17.83 11.41
C VAL A 73 -10.97 -18.06 12.21
N PRO A 74 -9.99 -17.16 12.05
CA PRO A 74 -8.74 -17.33 12.81
C PRO A 74 -8.95 -17.10 14.30
N LYS A 75 -8.03 -17.61 15.10
CA LYS A 75 -8.12 -17.45 16.54
C LYS A 75 -7.49 -16.14 16.96
N VAL A 76 -8.15 -15.45 17.86
CA VAL A 76 -7.65 -14.19 18.40
C VAL A 76 -6.60 -14.54 19.44
N LEU A 77 -5.35 -14.24 19.15
CA LEU A 77 -4.25 -14.55 20.06
C LEU A 77 -3.97 -13.38 20.99
N HIS A 78 -4.15 -12.16 20.48
CA HIS A 78 -3.92 -10.96 21.25
C HIS A 78 -4.49 -9.74 20.54
N PHE A 79 -5.13 -8.87 21.31
CA PHE A 79 -5.66 -7.62 20.80
C PHE A 79 -5.33 -6.53 21.80
N GLU A 80 -5.21 -5.32 21.30
CA GLU A 80 -4.91 -4.18 22.15
C GLU A 80 -5.06 -2.88 21.38
N ARG A 81 -5.26 -1.81 22.14
CA ARG A 81 -5.32 -0.47 21.58
C ARG A 81 -3.99 0.08 22.12
N HIS A 82 -3.20 0.69 21.24
CA HIS A 82 -1.92 1.24 21.67
C HIS A 82 -1.63 2.49 20.86
N ASP A 83 -1.57 3.62 21.56
CA ASP A 83 -1.30 4.91 20.95
C ASP A 83 -2.16 5.18 19.72
N GLY A 84 -3.45 4.89 19.83
CA GLY A 84 -4.37 5.12 18.73
C GLY A 84 -4.53 3.94 17.78
N TRP A 85 -3.56 3.02 17.80
CA TRP A 85 -3.60 1.84 16.95
C TRP A 85 -4.35 0.70 17.57
N SER A 86 -5.14 0.01 16.74
CA SER A 86 -5.86 -1.17 17.17
C SER A 86 -5.02 -2.30 16.59
N ASN A 87 -4.47 -3.15 17.45
CA ASN A 87 -3.61 -4.23 17.01
C ASN A 87 -4.19 -5.60 17.25
N LEU A 88 -4.34 -6.37 16.18
CA LEU A 88 -4.88 -7.72 16.30
C LEU A 88 -3.89 -8.79 15.84
N LEU A 89 -3.49 -9.65 16.77
CA LEU A 89 -2.59 -10.75 16.48
C LEU A 89 -3.50 -11.95 16.39
N MET A 90 -3.49 -12.62 15.24
CA MET A 90 -4.36 -13.77 15.02
C MET A 90 -3.60 -14.95 14.43
N SER A 91 -4.21 -16.12 14.48
CA SER A 91 -3.61 -17.31 13.91
C SER A 91 -3.79 -17.26 12.39
N GLU A 92 -3.04 -18.10 11.69
CA GLU A 92 -3.13 -18.16 10.24
C GLU A 92 -4.39 -18.93 9.87
N ALA A 93 -5.14 -18.42 8.90
CA ALA A 93 -6.35 -19.08 8.45
C ALA A 93 -6.03 -20.49 7.94
N ASP A 94 -6.96 -21.40 8.13
CA ASP A 94 -6.81 -22.79 7.70
C ASP A 94 -7.16 -22.94 6.21
N GLY A 95 -6.35 -23.71 5.48
CA GLY A 95 -6.62 -23.92 4.08
C GLY A 95 -5.90 -23.01 3.11
N VAL A 96 -6.34 -23.05 1.85
CA VAL A 96 -5.74 -22.26 0.78
C VAL A 96 -6.58 -21.06 0.38
N LEU A 97 -5.92 -19.90 0.27
CA LEU A 97 -6.58 -18.67 -0.14
C LEU A 97 -7.29 -18.95 -1.47
N CYS A 98 -8.55 -18.55 -1.58
CA CYS A 98 -9.32 -18.79 -2.80
C CYS A 98 -8.70 -18.18 -4.05
N SER A 99 -8.12 -17.00 -3.91
CA SER A 99 -7.49 -16.34 -5.05
C SER A 99 -6.31 -17.17 -5.52
N GLU A 100 -5.71 -17.93 -4.61
CA GLU A 100 -4.59 -18.80 -4.95
C GLU A 100 -5.11 -20.11 -5.52
N GLU A 101 -6.04 -20.73 -4.80
CA GLU A 101 -6.62 -21.99 -5.21
C GLU A 101 -7.18 -21.98 -6.62
N TYR A 102 -7.79 -20.87 -7.03
CA TYR A 102 -8.38 -20.76 -8.35
C TYR A 102 -7.67 -19.69 -9.19
N GLU A 103 -6.40 -19.43 -8.88
CA GLU A 103 -5.62 -18.42 -9.61
C GLU A 103 -5.59 -18.66 -11.11
N ASP A 104 -4.62 -19.44 -11.56
CA ASP A 104 -4.50 -19.77 -12.97
C ASP A 104 -5.27 -21.08 -13.13
N GLU A 105 -6.58 -20.96 -13.27
CA GLU A 105 -7.44 -22.12 -13.41
C GLU A 105 -8.80 -21.75 -14.03
N GLN A 106 -9.04 -22.24 -15.25
CA GLN A 106 -10.27 -21.99 -15.97
C GLN A 106 -11.41 -22.81 -15.37
N SER A 107 -12.01 -22.28 -14.31
CA SER A 107 -13.12 -22.95 -13.63
C SER A 107 -13.87 -21.92 -12.79
N PRO A 108 -14.42 -20.87 -13.43
CA PRO A 108 -15.15 -19.82 -12.71
C PRO A 108 -16.28 -20.43 -11.89
N GLU A 109 -16.75 -21.59 -12.34
CA GLU A 109 -17.81 -22.34 -11.69
C GLU A 109 -17.47 -22.75 -10.27
N LYS A 110 -16.19 -23.06 -10.03
CA LYS A 110 -15.75 -23.47 -8.70
C LYS A 110 -15.92 -22.36 -7.66
N ILE A 111 -15.55 -21.14 -8.02
CA ILE A 111 -15.70 -20.04 -7.07
C ILE A 111 -17.17 -19.66 -6.93
N ILE A 112 -17.96 -19.90 -7.98
CA ILE A 112 -19.39 -19.61 -7.92
C ILE A 112 -20.00 -20.54 -6.87
N GLU A 113 -19.65 -21.82 -6.96
CA GLU A 113 -20.13 -22.83 -6.03
C GLU A 113 -19.70 -22.46 -4.61
N LEU A 114 -18.48 -21.94 -4.48
CA LEU A 114 -17.95 -21.50 -3.19
C LEU A 114 -18.79 -20.34 -2.64
N TYR A 115 -19.04 -19.32 -3.47
CA TYR A 115 -19.86 -18.18 -3.05
C TYR A 115 -21.22 -18.65 -2.57
N ALA A 116 -21.81 -19.56 -3.34
CA ALA A 116 -23.11 -20.12 -3.02
C ALA A 116 -23.05 -20.77 -1.65
N GLU A 117 -21.96 -21.48 -1.39
CA GLU A 117 -21.74 -22.14 -0.11
C GLU A 117 -21.64 -21.12 1.02
N CYS A 118 -20.90 -20.03 0.78
CA CYS A 118 -20.73 -18.97 1.77
C CYS A 118 -22.07 -18.34 2.14
N ILE A 119 -22.82 -17.96 1.11
CA ILE A 119 -24.12 -17.33 1.31
C ILE A 119 -25.01 -18.27 2.12
N ARG A 120 -24.91 -19.57 1.85
CA ARG A 120 -25.69 -20.58 2.55
C ARG A 120 -25.32 -20.61 4.03
N LEU A 121 -24.02 -20.69 4.32
CA LEU A 121 -23.55 -20.71 5.70
C LEU A 121 -23.97 -19.47 6.45
N PHE A 122 -23.90 -18.32 5.80
CA PHE A 122 -24.26 -17.04 6.40
C PHE A 122 -25.71 -17.00 6.84
N HIS A 123 -26.60 -17.48 5.97
CA HIS A 123 -28.03 -17.49 6.27
C HIS A 123 -28.41 -18.38 7.44
N SER A 124 -27.48 -19.25 7.85
CA SER A 124 -27.72 -20.14 8.98
C SER A 124 -27.22 -19.57 10.31
N ILE A 125 -26.45 -18.48 10.25
CA ILE A 125 -25.90 -17.85 11.44
C ILE A 125 -26.91 -17.00 12.19
N ASP A 126 -27.10 -17.31 13.47
CA ASP A 126 -28.03 -16.59 14.32
C ASP A 126 -27.41 -15.22 14.66
N ILE A 127 -28.06 -14.15 14.20
CA ILE A 127 -27.56 -12.81 14.43
C ILE A 127 -28.22 -12.06 15.58
N SER A 128 -29.03 -12.75 16.38
CA SER A 128 -29.73 -12.13 17.50
C SER A 128 -28.80 -11.35 18.43
N ASP A 129 -27.61 -11.91 18.68
CA ASP A 129 -26.64 -11.24 19.54
C ASP A 129 -25.39 -10.74 18.80
N CYS A 130 -25.54 -10.51 17.49
CA CYS A 130 -24.42 -10.03 16.70
C CYS A 130 -23.93 -8.68 17.24
N PRO A 131 -22.62 -8.54 17.46
CA PRO A 131 -22.01 -7.32 17.98
C PRO A 131 -22.29 -6.07 17.13
N TYR A 132 -22.30 -6.21 15.81
CA TYR A 132 -22.53 -5.04 14.97
C TYR A 132 -23.66 -5.11 13.97
N THR A 133 -24.31 -3.97 13.78
CA THR A 133 -25.40 -3.84 12.83
C THR A 133 -24.89 -2.87 11.77
N ASN A 134 -24.59 -3.41 10.59
CA ASN A 134 -24.11 -2.62 9.49
C ASN A 134 -25.22 -2.33 8.49
N SER A 135 -26.33 -1.83 9.01
CA SER A 135 -27.46 -1.47 8.18
C SER A 135 -27.01 -0.27 7.35
N LEU A 136 -27.80 0.12 6.36
CA LEU A 136 -27.44 1.25 5.53
C LEU A 136 -27.36 2.58 6.27
N ASP A 137 -28.18 2.76 7.31
CA ASP A 137 -28.13 4.00 8.08
C ASP A 137 -26.74 4.15 8.68
N SER A 138 -26.26 3.08 9.31
CA SER A 138 -24.94 3.04 9.93
C SER A 138 -23.83 3.16 8.88
N ARG A 139 -23.92 2.39 7.79
CA ARG A 139 -22.92 2.43 6.73
C ARG A 139 -22.83 3.80 6.07
N LEU A 140 -23.98 4.41 5.78
CA LEU A 140 -23.98 5.72 5.15
C LEU A 140 -23.46 6.81 6.08
N ALA A 141 -23.76 6.71 7.38
CA ALA A 141 -23.27 7.69 8.35
C ALA A 141 -21.74 7.58 8.41
N GLU A 142 -21.25 6.34 8.34
CA GLU A 142 -19.81 6.08 8.34
C GLU A 142 -19.19 6.60 7.04
N LEU A 143 -19.84 6.31 5.92
CA LEU A 143 -19.35 6.76 4.63
C LEU A 143 -19.26 8.29 4.61
N ASP A 144 -20.27 8.93 5.19
CA ASP A 144 -20.31 10.39 5.26
C ASP A 144 -19.07 10.90 5.99
N TYR A 145 -18.75 10.25 7.11
CA TYR A 145 -17.59 10.61 7.90
C TYR A 145 -16.30 10.35 7.11
N LEU A 146 -16.22 9.20 6.46
CA LEU A 146 -15.05 8.86 5.67
C LEU A 146 -14.79 9.89 4.58
N LEU A 147 -15.86 10.26 3.86
CA LEU A 147 -15.77 11.23 2.78
C LEU A 147 -15.32 12.59 3.30
N ASN A 148 -15.95 13.06 4.36
CA ASN A 148 -15.61 14.35 4.95
C ASN A 148 -14.16 14.41 5.44
N ASN A 149 -13.63 13.28 5.90
CA ASN A 149 -12.27 13.25 6.40
C ASN A 149 -11.24 12.68 5.43
N ASP A 150 -11.66 12.50 4.18
CA ASP A 150 -10.79 11.99 3.12
C ASP A 150 -10.16 10.64 3.50
N LEU A 151 -10.95 9.79 4.15
CA LEU A 151 -10.49 8.49 4.59
C LEU A 151 -11.06 7.35 3.74
N ALA A 152 -11.99 7.70 2.85
CA ALA A 152 -12.60 6.71 1.96
C ALA A 152 -11.56 6.32 0.91
N ASP A 153 -11.60 5.07 0.47
CA ASP A 153 -10.65 4.61 -0.54
C ASP A 153 -10.90 5.29 -1.88
N VAL A 154 -9.82 5.60 -2.58
CA VAL A 154 -9.95 6.25 -3.88
C VAL A 154 -9.70 5.28 -5.02
N ASP A 155 -10.79 4.87 -5.66
CA ASP A 155 -10.72 3.99 -6.81
C ASP A 155 -10.31 4.94 -7.93
N CYS A 156 -9.02 4.95 -8.25
CA CYS A 156 -8.50 5.82 -9.30
C CYS A 156 -9.23 5.67 -10.63
N GLU A 157 -9.94 4.55 -10.79
CA GLU A 157 -10.72 4.30 -12.01
C GLU A 157 -11.91 5.26 -12.06
N ASN A 158 -12.31 5.78 -10.90
CA ASN A 158 -13.42 6.72 -10.81
C ASN A 158 -13.05 8.06 -11.44
N TRP A 159 -11.77 8.24 -11.79
CA TRP A 159 -11.33 9.47 -12.43
C TRP A 159 -11.52 9.39 -13.93
N GLU A 160 -11.70 8.18 -14.45
CA GLU A 160 -11.91 7.96 -15.88
C GLU A 160 -13.20 8.63 -16.34
N GLU A 161 -13.17 9.20 -17.55
CA GLU A 161 -14.31 9.92 -18.12
C GLU A 161 -15.65 9.17 -18.25
N ASP A 162 -15.60 7.85 -18.41
CA ASP A 162 -16.82 7.07 -18.58
C ASP A 162 -17.59 6.75 -17.29
N THR A 163 -17.02 7.11 -16.15
CA THR A 163 -17.67 6.85 -14.86
C THR A 163 -18.94 7.70 -14.71
N PRO A 164 -20.05 7.07 -14.29
CA PRO A 164 -21.36 7.69 -14.09
C PRO A 164 -21.35 8.88 -13.13
N PHE A 165 -20.94 8.63 -11.90
CA PHE A 165 -20.90 9.67 -10.88
C PHE A 165 -19.59 10.47 -10.98
N LYS A 166 -19.72 11.79 -11.09
CA LYS A 166 -18.56 12.67 -11.23
C LYS A 166 -17.72 12.88 -9.97
N ASP A 167 -18.29 12.63 -8.79
CA ASP A 167 -17.56 12.79 -7.54
C ASP A 167 -18.17 11.92 -6.44
N PRO A 168 -17.39 11.64 -5.38
CA PRO A 168 -17.86 10.81 -4.26
C PRO A 168 -19.22 11.21 -3.68
N ARG A 169 -19.41 12.50 -3.45
CA ARG A 169 -20.67 13.02 -2.89
C ARG A 169 -21.87 12.71 -3.76
N GLU A 170 -21.71 12.86 -5.06
CA GLU A 170 -22.78 12.57 -6.01
C GLU A 170 -23.25 11.13 -5.80
N LEU A 171 -22.29 10.23 -5.67
CA LEU A 171 -22.60 8.82 -5.45
C LEU A 171 -23.27 8.65 -4.10
N TYR A 172 -22.76 9.38 -3.10
CA TYR A 172 -23.31 9.32 -1.75
C TYR A 172 -24.76 9.80 -1.71
N ASP A 173 -25.04 10.90 -2.40
CA ASP A 173 -26.40 11.45 -2.43
C ASP A 173 -27.38 10.45 -3.03
N PHE A 174 -26.90 9.69 -4.02
CA PHE A 174 -27.69 8.67 -4.68
C PHE A 174 -27.95 7.54 -3.69
N LEU A 175 -26.91 7.08 -3.00
CA LEU A 175 -27.03 6.00 -2.03
C LEU A 175 -28.03 6.38 -0.94
N LYS A 176 -27.91 7.62 -0.47
CA LYS A 176 -28.77 8.17 0.57
C LYS A 176 -30.23 8.24 0.12
N THR A 177 -30.44 8.58 -1.15
CA THR A 177 -31.76 8.72 -1.73
C THR A 177 -32.42 7.41 -2.16
N GLU A 178 -31.65 6.50 -2.74
CA GLU A 178 -32.17 5.23 -3.23
C GLU A 178 -32.02 4.06 -2.27
N LYS A 179 -31.84 4.35 -0.98
CA LYS A 179 -31.68 3.34 0.06
C LYS A 179 -32.82 2.32 -0.01
N PRO A 180 -32.51 1.07 -0.40
CA PRO A 180 -33.57 0.05 -0.48
C PRO A 180 -33.96 -0.45 0.91
N GLU A 181 -35.03 -1.23 0.96
CA GLU A 181 -35.49 -1.81 2.21
C GLU A 181 -34.53 -2.94 2.60
N GLU A 182 -34.34 -3.13 3.89
CA GLU A 182 -33.42 -4.14 4.38
C GLU A 182 -34.05 -5.22 5.23
N GLU A 183 -33.50 -6.43 5.12
CA GLU A 183 -33.91 -7.60 5.90
C GLU A 183 -32.56 -8.12 6.37
N LEU A 184 -32.25 -7.86 7.63
CA LEU A 184 -30.97 -8.24 8.22
C LEU A 184 -30.68 -9.71 8.45
N VAL A 185 -29.53 -10.12 7.95
CA VAL A 185 -29.00 -11.49 8.10
C VAL A 185 -27.50 -11.25 8.33
N PHE A 186 -26.75 -12.31 8.60
CA PHE A 186 -25.32 -12.16 8.79
C PHE A 186 -24.68 -11.81 7.46
N SER A 187 -23.78 -10.82 7.49
CA SER A 187 -23.08 -10.37 6.30
C SER A 187 -21.60 -10.32 6.57
N HIS A 188 -20.80 -10.84 5.64
CA HIS A 188 -19.35 -10.82 5.79
C HIS A 188 -18.86 -9.40 5.56
N GLY A 189 -19.37 -8.75 4.51
CA GLY A 189 -18.97 -7.38 4.23
C GLY A 189 -18.00 -7.15 3.10
N ASP A 190 -17.18 -8.14 2.82
CA ASP A 190 -16.21 -8.06 1.75
C ASP A 190 -15.90 -9.48 1.31
N LEU A 191 -16.91 -10.12 0.74
CA LEU A 191 -16.82 -11.49 0.27
C LEU A 191 -16.03 -11.63 -1.02
N GLY A 192 -14.71 -11.46 -0.91
CA GLY A 192 -13.84 -11.57 -2.07
C GLY A 192 -12.90 -12.76 -1.91
N ASP A 193 -12.35 -13.24 -3.02
CA ASP A 193 -11.46 -14.40 -3.00
C ASP A 193 -10.16 -14.26 -2.23
N SER A 194 -9.85 -13.03 -1.80
CA SER A 194 -8.64 -12.76 -1.02
C SER A 194 -8.95 -12.79 0.47
N ASN A 195 -10.22 -12.98 0.81
CA ASN A 195 -10.66 -13.03 2.22
C ASN A 195 -11.27 -14.36 2.58
N ILE A 196 -11.25 -15.30 1.64
CA ILE A 196 -11.84 -16.61 1.85
C ILE A 196 -10.81 -17.70 1.60
N PHE A 197 -10.85 -18.74 2.43
CA PHE A 197 -9.93 -19.86 2.31
C PHE A 197 -10.69 -21.15 2.03
N VAL A 198 -10.09 -22.01 1.21
CA VAL A 198 -10.70 -23.29 0.85
C VAL A 198 -9.76 -24.48 1.12
N LYS A 199 -10.34 -25.56 1.61
CA LYS A 199 -9.58 -26.77 1.91
C LYS A 199 -10.47 -27.96 1.57
N ASP A 200 -10.03 -28.75 0.60
CA ASP A 200 -10.76 -29.94 0.15
C ASP A 200 -12.15 -29.61 -0.40
N GLY A 201 -12.25 -28.50 -1.13
CA GLY A 201 -13.52 -28.11 -1.72
C GLY A 201 -14.44 -27.27 -0.86
N LYS A 202 -14.34 -27.42 0.46
CA LYS A 202 -15.20 -26.67 1.38
C LYS A 202 -14.48 -25.43 1.94
N VAL A 203 -15.25 -24.38 2.22
CA VAL A 203 -14.69 -23.16 2.78
C VAL A 203 -14.02 -23.51 4.11
N SER A 204 -12.78 -23.07 4.26
CA SER A 204 -12.02 -23.37 5.45
C SER A 204 -11.74 -22.17 6.34
N GLY A 205 -11.93 -20.97 5.80
CA GLY A 205 -11.67 -19.79 6.62
C GLY A 205 -12.10 -18.46 6.03
N PHE A 206 -12.48 -17.55 6.92
CA PHE A 206 -12.89 -16.20 6.56
C PHE A 206 -12.04 -15.21 7.36
N ILE A 207 -11.62 -14.14 6.70
CA ILE A 207 -10.83 -13.08 7.34
C ILE A 207 -11.36 -11.75 6.83
N ASP A 208 -10.78 -10.65 7.31
CA ASP A 208 -11.18 -9.30 6.91
C ASP A 208 -12.66 -9.17 7.30
N LEU A 209 -12.91 -9.15 8.60
CA LEU A 209 -14.27 -9.11 9.12
C LEU A 209 -14.76 -7.77 9.67
N GLY A 210 -14.04 -6.69 9.36
CA GLY A 210 -14.42 -5.37 9.83
C GLY A 210 -15.82 -4.92 9.48
N ARG A 211 -16.32 -5.33 8.31
CA ARG A 211 -17.68 -4.98 7.90
C ARG A 211 -18.67 -6.09 8.20
N SER A 212 -18.22 -7.12 8.92
CA SER A 212 -19.09 -8.25 9.27
C SER A 212 -20.10 -7.87 10.34
N GLY A 213 -21.30 -8.39 10.21
CA GLY A 213 -22.36 -8.11 11.15
C GLY A 213 -23.70 -8.21 10.46
N ARG A 214 -24.69 -7.50 10.98
CA ARG A 214 -26.00 -7.50 10.38
C ARG A 214 -25.98 -6.59 9.16
N ALA A 215 -26.59 -7.06 8.07
CA ALA A 215 -26.68 -6.28 6.84
C ALA A 215 -27.66 -7.01 5.95
N ASP A 216 -28.19 -6.33 4.95
CA ASP A 216 -29.14 -6.99 4.06
C ASP A 216 -28.45 -8.16 3.35
N LYS A 217 -29.24 -9.18 2.99
CA LYS A 217 -28.65 -10.33 2.32
C LYS A 217 -28.11 -10.00 0.95
N TRP A 218 -28.69 -9.00 0.30
CA TRP A 218 -28.25 -8.62 -1.04
C TRP A 218 -26.88 -7.99 -1.11
N TYR A 219 -26.34 -7.58 0.04
CA TYR A 219 -25.03 -6.95 0.09
C TYR A 219 -23.92 -7.91 -0.34
N ASP A 220 -23.81 -9.06 0.34
CA ASP A 220 -22.79 -10.06 0.00
C ASP A 220 -23.07 -10.66 -1.38
N ILE A 221 -24.35 -10.87 -1.68
CA ILE A 221 -24.77 -11.40 -2.97
C ILE A 221 -24.35 -10.47 -4.11
N ALA A 222 -24.53 -9.17 -3.92
CA ALA A 222 -24.14 -8.19 -4.94
C ALA A 222 -22.63 -8.25 -5.14
N PHE A 223 -21.90 -8.37 -4.02
CA PHE A 223 -20.44 -8.46 -4.04
C PHE A 223 -20.02 -9.61 -4.95
N CYS A 224 -20.68 -10.75 -4.77
CA CYS A 224 -20.41 -11.93 -5.57
C CYS A 224 -20.71 -11.68 -7.04
N VAL A 225 -21.83 -11.02 -7.34
CA VAL A 225 -22.17 -10.72 -8.73
C VAL A 225 -21.04 -9.89 -9.34
N ARG A 226 -20.61 -8.88 -8.60
CA ARG A 226 -19.51 -8.03 -9.04
C ARG A 226 -18.24 -8.83 -9.33
N SER A 227 -17.88 -9.72 -8.40
CA SER A 227 -16.68 -10.55 -8.56
C SER A 227 -16.78 -11.45 -9.78
N ILE A 228 -17.95 -12.05 -9.98
CA ILE A 228 -18.18 -12.92 -11.12
C ILE A 228 -17.97 -12.14 -12.43
N ARG A 229 -18.55 -10.95 -12.52
CA ARG A 229 -18.42 -10.14 -13.72
C ARG A 229 -17.02 -9.59 -13.97
N GLU A 230 -16.29 -9.28 -12.90
CA GLU A 230 -14.94 -8.74 -13.02
C GLU A 230 -13.94 -9.76 -13.54
N ASP A 231 -14.10 -11.01 -13.13
CA ASP A 231 -13.20 -12.08 -13.55
C ASP A 231 -13.51 -12.62 -14.94
N ILE A 232 -14.79 -12.68 -15.29
CA ILE A 232 -15.22 -13.18 -16.60
C ILE A 232 -16.29 -12.30 -17.21
N GLY A 233 -16.21 -12.10 -18.53
CA GLY A 233 -17.19 -11.27 -19.22
C GLY A 233 -18.43 -12.04 -19.63
N GLU A 234 -18.61 -13.24 -19.09
CA GLU A 234 -19.76 -14.07 -19.42
C GLU A 234 -20.83 -14.01 -18.34
N GLU A 235 -21.93 -13.33 -18.65
CA GLU A 235 -23.06 -13.15 -17.77
C GLU A 235 -23.75 -14.47 -17.41
N GLN A 236 -23.44 -15.52 -18.17
CA GLN A 236 -24.04 -16.84 -17.94
C GLN A 236 -23.67 -17.36 -16.54
N TYR A 237 -22.48 -16.98 -16.08
CA TYR A 237 -22.02 -17.41 -14.77
C TYR A 237 -22.77 -16.71 -13.64
N VAL A 238 -23.37 -15.55 -13.95
CA VAL A 238 -24.15 -14.83 -12.97
C VAL A 238 -25.44 -15.61 -12.76
N GLU A 239 -26.03 -16.07 -13.86
CA GLU A 239 -27.27 -16.85 -13.81
C GLU A 239 -27.02 -18.17 -13.10
N LEU A 240 -25.84 -18.76 -13.32
CA LEU A 240 -25.46 -20.01 -12.67
C LEU A 240 -25.47 -19.80 -11.16
N PHE A 241 -24.88 -18.69 -10.72
CA PHE A 241 -24.81 -18.33 -9.32
C PHE A 241 -26.21 -18.30 -8.72
N PHE A 242 -27.12 -17.60 -9.37
CA PHE A 242 -28.48 -17.52 -8.87
C PHE A 242 -29.23 -18.84 -8.92
N ASP A 243 -28.86 -19.70 -9.87
CA ASP A 243 -29.47 -21.01 -9.96
C ASP A 243 -29.07 -21.79 -8.72
N LEU A 244 -27.81 -21.65 -8.33
CA LEU A 244 -27.26 -22.32 -7.14
C LEU A 244 -27.88 -21.80 -5.86
N LEU A 245 -28.10 -20.48 -5.79
CA LEU A 245 -28.70 -19.88 -4.61
C LEU A 245 -30.19 -20.23 -4.53
N GLY A 246 -30.78 -20.51 -5.70
CA GLY A 246 -32.20 -20.85 -5.74
C GLY A 246 -33.12 -19.68 -5.49
N ILE A 247 -32.67 -18.48 -5.86
CA ILE A 247 -33.46 -17.26 -5.69
C ILE A 247 -33.41 -16.39 -6.94
N LYS A 248 -34.37 -15.49 -7.06
CA LYS A 248 -34.44 -14.58 -8.19
C LYS A 248 -33.60 -13.34 -7.85
N PRO A 249 -32.74 -12.91 -8.77
CA PRO A 249 -31.91 -11.74 -8.51
C PRO A 249 -32.76 -10.48 -8.37
N ASP A 250 -32.46 -9.66 -7.36
CA ASP A 250 -33.17 -8.39 -7.24
C ASP A 250 -32.14 -7.39 -7.73
N TRP A 251 -32.22 -7.05 -9.02
CA TRP A 251 -31.26 -6.16 -9.63
C TRP A 251 -31.16 -4.75 -9.08
N GLU A 252 -32.26 -4.22 -8.54
CA GLU A 252 -32.25 -2.89 -7.97
C GLU A 252 -31.38 -2.88 -6.72
N LYS A 253 -31.51 -3.91 -5.90
CA LYS A 253 -30.72 -3.98 -4.68
C LYS A 253 -29.26 -4.33 -5.02
N ILE A 254 -29.07 -5.21 -5.99
CA ILE A 254 -27.73 -5.61 -6.41
C ILE A 254 -26.95 -4.40 -6.94
N LYS A 255 -27.57 -3.63 -7.84
CA LYS A 255 -26.92 -2.43 -8.39
C LYS A 255 -26.56 -1.47 -7.26
N TYR A 256 -27.49 -1.31 -6.33
CA TYR A 256 -27.29 -0.41 -5.21
C TYR A 256 -26.06 -0.75 -4.37
N TYR A 257 -26.00 -1.99 -3.87
CA TYR A 257 -24.87 -2.41 -3.05
C TYR A 257 -23.53 -2.40 -3.78
N ILE A 258 -23.56 -2.65 -5.08
CA ILE A 258 -22.33 -2.62 -5.87
C ILE A 258 -21.85 -1.16 -5.92
N LEU A 259 -22.79 -0.24 -6.04
CA LEU A 259 -22.47 1.18 -6.08
C LEU A 259 -21.90 1.61 -4.74
N LEU A 260 -22.54 1.17 -3.65
CA LEU A 260 -22.08 1.51 -2.31
C LEU A 260 -20.62 1.12 -2.11
N ASP A 261 -20.22 0.01 -2.73
CA ASP A 261 -18.86 -0.50 -2.62
C ASP A 261 -17.79 0.32 -3.29
N GLU A 262 -18.17 1.06 -4.34
CA GLU A 262 -17.20 1.88 -5.05
C GLU A 262 -16.56 2.99 -4.22
N LEU A 263 -16.99 3.12 -2.97
CA LEU A 263 -16.44 4.10 -2.06
C LEU A 263 -15.71 3.38 -0.92
N PHE A 264 -15.59 2.07 -1.06
CA PHE A 264 -14.92 1.22 -0.08
C PHE A 264 -13.94 0.28 -0.79
N ALA B 2 -17.81 17.81 -5.69
CA ALA B 2 -17.08 19.05 -5.30
C ALA B 2 -15.76 18.70 -4.63
N LYS B 3 -15.84 17.97 -3.52
CA LYS B 3 -14.64 17.56 -2.80
C LYS B 3 -14.00 16.36 -3.47
N MET B 4 -12.76 16.55 -3.89
CA MET B 4 -11.97 15.51 -4.54
C MET B 4 -10.51 15.74 -4.23
N ARG B 5 -9.69 14.73 -4.50
CA ARG B 5 -8.26 14.82 -4.25
C ARG B 5 -7.51 15.53 -5.38
N ILE B 6 -8.13 15.62 -6.56
CA ILE B 6 -7.52 16.29 -7.70
C ILE B 6 -8.48 17.36 -8.21
N SER B 7 -7.93 18.44 -8.75
CA SER B 7 -8.74 19.54 -9.26
C SER B 7 -9.44 19.18 -10.56
N PRO B 8 -10.45 19.97 -10.95
CA PRO B 8 -11.15 19.67 -12.20
C PRO B 8 -10.22 19.75 -13.41
N GLU B 9 -9.21 20.63 -13.34
CA GLU B 9 -8.24 20.79 -14.44
C GLU B 9 -7.41 19.53 -14.60
N LEU B 10 -6.92 19.00 -13.48
CA LEU B 10 -6.13 17.78 -13.50
C LEU B 10 -6.99 16.62 -13.93
N LYS B 11 -8.20 16.56 -13.38
CA LYS B 11 -9.15 15.51 -13.72
C LYS B 11 -9.38 15.52 -15.23
N LYS B 12 -9.52 16.71 -15.80
CA LYS B 12 -9.73 16.89 -17.23
C LYS B 12 -8.54 16.37 -18.04
N LEU B 13 -7.34 16.60 -17.53
CA LEU B 13 -6.11 16.18 -18.20
C LEU B 13 -5.92 14.68 -18.26
N ILE B 14 -6.43 13.97 -17.25
CA ILE B 14 -6.29 12.52 -17.20
C ILE B 14 -7.54 11.71 -17.56
N GLU B 15 -8.62 12.40 -17.93
CA GLU B 15 -9.88 11.74 -18.28
C GLU B 15 -9.75 10.68 -19.36
N LYS B 16 -9.03 11.03 -20.43
CA LYS B 16 -8.78 10.15 -21.56
C LYS B 16 -7.95 8.92 -21.20
N TYR B 17 -7.34 8.94 -20.03
CA TYR B 17 -6.50 7.82 -19.59
C TYR B 17 -7.21 6.79 -18.73
N ARG B 18 -6.70 5.56 -18.82
CA ARG B 18 -7.23 4.45 -18.05
C ARG B 18 -6.25 4.27 -16.90
N CYS B 19 -6.74 4.42 -15.67
CA CYS B 19 -5.88 4.31 -14.50
C CYS B 19 -5.54 2.91 -14.03
N VAL B 20 -4.27 2.73 -13.68
CA VAL B 20 -3.77 1.46 -13.16
C VAL B 20 -2.85 1.84 -12.00
N LYS B 21 -3.36 1.72 -10.78
CA LYS B 21 -2.59 2.05 -9.59
C LYS B 21 -1.38 1.14 -9.41
N ASP B 22 -0.23 1.75 -9.13
CA ASP B 22 1.00 1.00 -8.90
C ASP B 22 0.85 0.21 -7.60
N THR B 23 1.18 -1.08 -7.67
CA THR B 23 1.05 -2.00 -6.55
C THR B 23 2.18 -2.04 -5.52
N GLU B 24 3.26 -1.31 -5.76
CA GLU B 24 4.38 -1.33 -4.81
C GLU B 24 4.00 -0.77 -3.44
N GLY B 25 3.56 0.49 -3.41
CA GLY B 25 3.17 1.13 -2.17
C GLY B 25 4.27 1.10 -1.12
N MET B 26 5.50 1.44 -1.53
CA MET B 26 6.64 1.43 -0.62
C MET B 26 6.71 2.70 0.24
N SER B 27 6.03 3.75 -0.20
CA SER B 27 6.01 5.01 0.51
C SER B 27 4.57 5.46 0.73
N PRO B 28 4.36 6.57 1.47
CA PRO B 28 2.99 7.04 1.69
C PRO B 28 2.37 7.65 0.44
N ALA B 29 3.17 7.78 -0.62
CA ALA B 29 2.70 8.33 -1.87
C ALA B 29 1.76 7.40 -2.63
N LYS B 30 0.80 8.00 -3.32
CA LYS B 30 -0.16 7.27 -4.14
C LYS B 30 0.39 7.43 -5.55
N VAL B 31 0.68 6.31 -6.20
CA VAL B 31 1.23 6.32 -7.55
C VAL B 31 0.27 5.63 -8.52
N TYR B 32 -0.06 6.32 -9.60
CA TYR B 32 -0.96 5.76 -10.59
C TYR B 32 -0.43 5.82 -12.00
N LYS B 33 -0.52 4.69 -12.70
CA LYS B 33 -0.11 4.66 -14.09
C LYS B 33 -1.36 4.99 -14.90
N LEU B 34 -1.24 5.97 -15.78
CA LEU B 34 -2.37 6.37 -16.61
C LEU B 34 -2.09 5.91 -18.04
N VAL B 35 -2.68 4.77 -18.40
CA VAL B 35 -2.50 4.18 -19.73
C VAL B 35 -3.36 4.88 -20.77
N GLY B 36 -2.71 5.39 -21.82
CA GLY B 36 -3.41 6.05 -22.90
C GLY B 36 -3.05 5.39 -24.21
N GLU B 37 -3.68 5.85 -25.29
CA GLU B 37 -3.43 5.27 -26.61
C GLU B 37 -2.17 5.83 -27.27
N ASN B 38 -1.81 7.05 -26.92
CA ASN B 38 -0.62 7.68 -27.48
C ASN B 38 0.59 7.47 -26.58
N GLU B 39 0.37 7.47 -25.26
CA GLU B 39 1.43 7.28 -24.28
C GLU B 39 0.86 6.99 -22.89
N ASN B 40 1.75 6.81 -21.93
CA ASN B 40 1.36 6.56 -20.55
C ASN B 40 1.90 7.69 -19.71
N LEU B 41 1.13 8.10 -18.71
CA LEU B 41 1.55 9.15 -17.80
C LEU B 41 1.54 8.55 -16.41
N TYR B 42 2.11 9.28 -15.46
CA TYR B 42 2.12 8.82 -14.09
C TYR B 42 1.63 9.95 -13.20
N LEU B 43 0.76 9.59 -12.28
CA LEU B 43 0.21 10.55 -11.34
C LEU B 43 0.68 10.10 -9.96
N LYS B 44 1.44 10.97 -9.29
CA LYS B 44 1.95 10.69 -7.96
C LYS B 44 1.35 11.72 -7.01
N MET B 45 0.85 11.24 -5.88
CA MET B 45 0.20 12.09 -4.88
C MET B 45 0.61 11.81 -3.44
N THR B 46 0.79 12.89 -2.67
CA THR B 46 1.12 12.78 -1.25
C THR B 46 0.17 13.71 -0.51
N ASP B 47 -0.34 13.25 0.62
CA ASP B 47 -1.29 14.05 1.39
C ASP B 47 -0.63 15.10 2.28
N SER B 48 -1.48 15.94 2.84
CA SER B 48 -1.15 17.05 3.72
C SER B 48 -0.13 16.78 4.83
N ARG B 49 -0.19 15.60 5.44
CA ARG B 49 0.70 15.22 6.54
C ARG B 49 2.20 15.21 6.18
N TYR B 50 2.49 15.04 4.90
CA TYR B 50 3.88 14.96 4.45
C TYR B 50 4.41 16.25 3.83
N LYS B 51 3.59 17.29 3.89
CA LYS B 51 3.95 18.60 3.35
C LYS B 51 5.30 19.04 3.92
N GLY B 52 6.17 19.56 3.05
CA GLY B 52 7.47 20.01 3.48
C GLY B 52 8.52 18.94 3.76
N THR B 53 8.12 17.66 3.77
CA THR B 53 9.06 16.58 4.00
C THR B 53 9.61 16.06 2.67
N THR B 54 10.61 15.19 2.73
CA THR B 54 11.19 14.63 1.52
C THR B 54 10.25 13.65 0.80
N TYR B 55 9.06 13.45 1.37
CA TYR B 55 8.06 12.58 0.75
C TYR B 55 7.15 13.43 -0.16
N ASP B 56 7.01 14.71 0.21
CA ASP B 56 6.15 15.65 -0.53
C ASP B 56 6.47 15.69 -2.02
N VAL B 57 5.50 15.30 -2.86
CA VAL B 57 5.73 15.31 -4.30
C VAL B 57 6.01 16.72 -4.81
N GLU B 58 5.62 17.75 -4.06
CA GLU B 58 5.90 19.11 -4.52
C GLU B 58 7.42 19.26 -4.58
N ARG B 59 8.08 18.79 -3.53
CA ARG B 59 9.53 18.84 -3.42
C ARG B 59 10.10 18.01 -4.58
N GLU B 60 9.48 16.86 -4.82
CA GLU B 60 9.87 15.96 -5.88
C GLU B 60 9.70 16.63 -7.23
N LYS B 61 8.62 17.42 -7.37
CA LYS B 61 8.36 18.13 -8.60
C LYS B 61 9.44 19.19 -8.84
N ASP B 62 9.78 19.92 -7.78
CA ASP B 62 10.81 20.96 -7.86
C ASP B 62 12.11 20.37 -8.37
N MET B 63 12.51 19.25 -7.77
CA MET B 63 13.73 18.56 -8.15
C MET B 63 13.63 17.99 -9.56
N MET B 64 12.43 17.59 -9.95
CA MET B 64 12.21 17.02 -11.27
C MET B 64 12.40 18.13 -12.30
N LEU B 65 11.90 19.33 -11.98
CA LEU B 65 12.04 20.49 -12.85
C LEU B 65 13.50 20.92 -12.94
N TRP B 66 14.16 21.03 -11.78
CA TRP B 66 15.56 21.44 -11.73
C TRP B 66 16.50 20.47 -12.44
N LEU B 67 16.19 19.18 -12.42
CA LEU B 67 17.03 18.17 -13.05
C LEU B 67 16.87 18.03 -14.56
N GLU B 68 15.92 18.75 -15.14
CA GLU B 68 15.73 18.68 -16.59
C GLU B 68 16.97 19.22 -17.28
N GLY B 69 17.54 18.42 -18.18
CA GLY B 69 18.74 18.82 -18.88
C GLY B 69 19.99 18.39 -18.12
N LYS B 70 19.82 17.96 -16.88
CA LYS B 70 20.93 17.51 -16.04
C LYS B 70 20.96 15.98 -15.91
N LEU B 71 19.79 15.39 -15.73
CA LEU B 71 19.65 13.94 -15.60
C LEU B 71 18.41 13.50 -16.35
N PRO B 72 18.38 12.24 -16.80
CA PRO B 72 17.19 11.78 -17.51
C PRO B 72 16.08 11.58 -16.48
N VAL B 73 15.14 12.53 -16.47
CA VAL B 73 14.01 12.49 -15.54
C VAL B 73 12.72 12.72 -16.31
N PRO B 74 11.58 12.28 -15.76
CA PRO B 74 10.33 12.50 -16.47
C PRO B 74 9.99 13.97 -16.55
N LYS B 75 9.18 14.34 -17.53
CA LYS B 75 8.77 15.72 -17.71
C LYS B 75 7.58 16.04 -16.83
N VAL B 76 7.62 17.20 -16.18
CA VAL B 76 6.52 17.64 -15.32
C VAL B 76 5.39 18.16 -16.21
N LEU B 77 4.30 17.40 -16.30
CA LEU B 77 3.17 17.79 -17.14
C LEU B 77 2.20 18.70 -16.41
N HIS B 78 2.07 18.50 -15.09
CA HIS B 78 1.16 19.31 -14.29
C HIS B 78 1.39 19.12 -12.79
N PHE B 79 1.37 20.22 -12.05
CA PHE B 79 1.51 20.15 -10.60
C PHE B 79 0.47 21.04 -9.94
N GLU B 80 0.04 20.61 -8.77
CA GLU B 80 -0.93 21.38 -8.01
C GLU B 80 -1.00 20.96 -6.57
N ARG B 81 -1.47 21.88 -5.76
CA ARG B 81 -1.73 21.66 -4.36
C ARG B 81 -3.24 21.69 -4.41
N HIS B 82 -3.87 20.60 -4.00
CA HIS B 82 -5.33 20.56 -4.03
C HIS B 82 -5.89 19.86 -2.82
N ASP B 83 -6.65 20.61 -2.04
CA ASP B 83 -7.30 20.11 -0.83
C ASP B 83 -6.31 19.36 0.05
N GLY B 84 -5.16 19.98 0.29
CA GLY B 84 -4.15 19.36 1.12
C GLY B 84 -3.21 18.43 0.37
N TRP B 85 -3.65 17.92 -0.78
CA TRP B 85 -2.81 17.01 -1.58
C TRP B 85 -1.85 17.72 -2.51
N SER B 86 -0.69 17.09 -2.73
CA SER B 86 0.30 17.62 -3.65
C SER B 86 0.28 16.60 -4.78
N ASN B 87 -0.13 17.05 -5.97
CA ASN B 87 -0.27 16.16 -7.11
C ASN B 87 0.66 16.49 -8.27
N LEU B 88 1.30 15.44 -8.80
CA LEU B 88 2.23 15.59 -9.91
C LEU B 88 1.94 14.63 -11.07
N LEU B 89 1.64 15.22 -12.22
CA LEU B 89 1.38 14.45 -13.44
C LEU B 89 2.69 14.56 -14.20
N MET B 90 3.26 13.42 -14.55
CA MET B 90 4.55 13.38 -15.25
C MET B 90 4.56 12.37 -16.39
N SER B 91 5.53 12.50 -17.28
CA SER B 91 5.65 11.59 -18.41
C SER B 91 6.27 10.30 -17.91
N GLU B 92 6.11 9.22 -18.68
CA GLU B 92 6.67 7.95 -18.30
C GLU B 92 8.17 7.96 -18.56
N ALA B 93 8.94 7.46 -17.61
CA ALA B 93 10.39 7.40 -17.73
C ALA B 93 10.78 6.58 -18.96
N ASP B 94 11.94 6.89 -19.52
CA ASP B 94 12.45 6.20 -20.70
C ASP B 94 13.27 4.99 -20.29
N GLY B 95 13.16 3.92 -21.05
CA GLY B 95 13.91 2.71 -20.75
C GLY B 95 13.18 1.63 -19.97
N VAL B 96 13.95 0.67 -19.50
CA VAL B 96 13.42 -0.46 -18.74
C VAL B 96 13.78 -0.33 -17.26
N LEU B 97 12.80 -0.61 -16.40
CA LEU B 97 12.99 -0.54 -14.96
C LEU B 97 14.16 -1.45 -14.59
N CYS B 98 15.11 -0.93 -13.82
CA CYS B 98 16.30 -1.70 -13.44
C CYS B 98 15.99 -3.07 -12.82
N SER B 99 15.00 -3.11 -11.95
CA SER B 99 14.59 -4.35 -11.30
C SER B 99 14.00 -5.34 -12.30
N GLU B 100 13.56 -4.81 -13.44
CA GLU B 100 12.96 -5.59 -14.50
C GLU B 100 14.01 -6.12 -15.50
N GLU B 101 14.97 -5.27 -15.85
CA GLU B 101 16.04 -5.65 -16.77
C GLU B 101 16.91 -6.74 -16.16
N TYR B 102 16.93 -6.79 -14.83
CA TYR B 102 17.71 -7.77 -14.08
C TYR B 102 16.80 -8.87 -13.52
N GLU B 103 15.49 -8.65 -13.59
CA GLU B 103 14.44 -9.57 -13.11
C GLU B 103 14.90 -10.90 -12.52
N ASP B 104 15.45 -11.76 -13.36
CA ASP B 104 15.96 -13.07 -12.95
C ASP B 104 17.33 -13.32 -13.56
N GLU B 105 17.55 -12.74 -14.74
CA GLU B 105 18.82 -12.88 -15.45
C GLU B 105 20.03 -12.46 -14.61
N GLN B 106 20.86 -13.45 -14.26
CA GLN B 106 22.06 -13.21 -13.47
C GLN B 106 23.12 -12.43 -14.25
N SER B 107 23.15 -11.12 -14.01
CA SER B 107 24.11 -10.23 -14.66
C SER B 107 24.44 -9.13 -13.65
N PRO B 108 25.01 -9.53 -12.49
CA PRO B 108 25.40 -8.62 -11.40
C PRO B 108 26.29 -7.45 -11.79
N GLU B 109 27.37 -7.74 -12.52
CA GLU B 109 28.30 -6.71 -12.92
C GLU B 109 27.67 -5.59 -13.76
N LYS B 110 26.58 -5.92 -14.46
CA LYS B 110 25.88 -4.93 -15.26
C LYS B 110 25.18 -3.94 -14.33
N ILE B 111 24.64 -4.48 -13.24
CA ILE B 111 23.96 -3.66 -12.23
C ILE B 111 25.01 -2.85 -11.48
N ILE B 112 26.15 -3.47 -11.21
CA ILE B 112 27.25 -2.81 -10.50
C ILE B 112 27.75 -1.62 -11.32
N GLU B 113 27.88 -1.83 -12.62
CA GLU B 113 28.33 -0.79 -13.55
C GLU B 113 27.29 0.32 -13.64
N LEU B 114 26.01 -0.07 -13.60
CA LEU B 114 24.91 0.88 -13.65
C LEU B 114 24.96 1.77 -12.41
N TYR B 115 25.07 1.16 -11.24
CA TYR B 115 25.13 1.92 -9.99
C TYR B 115 26.36 2.84 -10.01
N ALA B 116 27.48 2.32 -10.51
CA ALA B 116 28.71 3.09 -10.60
C ALA B 116 28.50 4.29 -11.52
N GLU B 117 27.84 4.06 -12.64
CA GLU B 117 27.55 5.11 -13.61
C GLU B 117 26.73 6.23 -12.97
N CYS B 118 25.71 5.85 -12.19
CA CYS B 118 24.84 6.83 -11.51
C CYS B 118 25.64 7.70 -10.56
N ILE B 119 26.50 7.10 -9.75
CA ILE B 119 27.33 7.85 -8.81
C ILE B 119 28.22 8.85 -9.55
N ARG B 120 28.91 8.38 -10.59
CA ARG B 120 29.78 9.27 -11.37
C ARG B 120 28.97 10.37 -12.01
N LEU B 121 27.79 10.01 -12.49
CA LEU B 121 26.89 10.96 -13.11
C LEU B 121 26.46 11.99 -12.08
N PHE B 122 26.07 11.53 -10.89
CA PHE B 122 25.62 12.43 -9.83
C PHE B 122 26.72 13.41 -9.44
N HIS B 123 27.96 12.94 -9.38
CA HIS B 123 29.08 13.79 -9.01
C HIS B 123 29.44 14.86 -10.03
N SER B 124 28.99 14.69 -11.27
CA SER B 124 29.27 15.67 -12.32
C SER B 124 28.23 16.79 -12.33
N ILE B 125 27.14 16.58 -11.59
CA ILE B 125 26.06 17.56 -11.52
C ILE B 125 26.43 18.80 -10.72
N ASP B 126 26.18 19.96 -11.33
CA ASP B 126 26.46 21.24 -10.70
C ASP B 126 25.33 21.56 -9.75
N ILE B 127 25.61 21.54 -8.45
CA ILE B 127 24.59 21.82 -7.46
C ILE B 127 24.59 23.25 -6.95
N SER B 128 25.28 24.15 -7.66
CA SER B 128 25.37 25.56 -7.25
C SER B 128 24.01 26.20 -6.98
N ASP B 129 23.00 25.82 -7.76
CA ASP B 129 21.66 26.36 -7.58
C ASP B 129 20.62 25.27 -7.25
N CYS B 130 21.07 24.18 -6.65
CA CYS B 130 20.17 23.09 -6.29
C CYS B 130 19.14 23.62 -5.30
N PRO B 131 17.84 23.40 -5.60
CA PRO B 131 16.69 23.83 -4.78
C PRO B 131 16.71 23.36 -3.34
N TYR B 132 17.25 22.17 -3.10
CA TYR B 132 17.27 21.62 -1.75
C TYR B 132 18.60 21.08 -1.27
N THR B 133 18.80 21.23 0.03
CA THR B 133 19.98 20.75 0.72
C THR B 133 19.47 19.75 1.74
N ASN B 134 19.78 18.47 1.52
CA ASN B 134 19.36 17.42 2.43
C ASN B 134 20.50 17.01 3.35
N SER B 135 21.01 17.99 4.09
CA SER B 135 22.08 17.76 5.05
C SER B 135 21.49 16.90 6.16
N LEU B 136 22.36 16.30 6.99
CA LEU B 136 21.89 15.47 8.07
C LEU B 136 21.04 16.23 9.09
N ASP B 137 21.33 17.51 9.27
CA ASP B 137 20.54 18.33 10.20
C ASP B 137 19.12 18.43 9.68
N SER B 138 18.99 18.65 8.38
CA SER B 138 17.71 18.75 7.73
C SER B 138 16.99 17.40 7.77
N ARG B 139 17.71 16.33 7.43
CA ARG B 139 17.11 14.99 7.42
C ARG B 139 16.68 14.53 8.81
N LEU B 140 17.52 14.77 9.81
CA LEU B 140 17.20 14.39 11.17
C LEU B 140 16.06 15.23 11.70
N ALA B 141 16.02 16.50 11.31
CA ALA B 141 14.95 17.38 11.75
C ALA B 141 13.59 16.89 11.25
N GLU B 142 13.53 16.45 10.00
CA GLU B 142 12.26 15.94 9.46
C GLU B 142 11.95 14.56 10.06
N LEU B 143 13.00 13.80 10.37
CA LEU B 143 12.81 12.48 10.96
C LEU B 143 12.19 12.63 12.35
N ASP B 144 12.61 13.67 13.07
CA ASP B 144 12.10 13.98 14.40
C ASP B 144 10.61 14.26 14.27
N TYR B 145 10.27 15.06 13.26
CA TYR B 145 8.88 15.41 12.99
C TYR B 145 8.06 14.17 12.63
N LEU B 146 8.60 13.31 11.77
CA LEU B 146 7.90 12.10 11.36
C LEU B 146 7.63 11.21 12.56
N LEU B 147 8.61 11.06 13.43
CA LEU B 147 8.45 10.25 14.62
C LEU B 147 7.45 10.88 15.58
N ASN B 148 7.54 12.19 15.77
CA ASN B 148 6.62 12.89 16.66
C ASN B 148 5.16 12.76 16.23
N ASN B 149 4.93 12.61 14.93
CA ASN B 149 3.58 12.49 14.41
C ASN B 149 3.23 11.09 13.93
N ASP B 150 4.09 10.13 14.28
CA ASP B 150 3.90 8.73 13.91
C ASP B 150 3.77 8.52 12.40
N LEU B 151 4.57 9.26 11.65
CA LEU B 151 4.57 9.19 10.20
C LEU B 151 5.81 8.48 9.67
N ALA B 152 6.72 8.10 10.57
CA ALA B 152 7.95 7.40 10.16
C ALA B 152 7.64 5.95 9.78
N ASP B 153 8.45 5.39 8.88
CA ASP B 153 8.28 4.03 8.35
C ASP B 153 7.74 2.98 9.30
N VAL B 154 6.73 2.26 8.79
CA VAL B 154 6.04 1.20 9.51
C VAL B 154 6.97 0.12 10.04
N ASP B 155 7.13 0.10 11.36
CA ASP B 155 7.97 -0.86 12.03
C ASP B 155 7.46 -2.28 11.78
N CYS B 156 8.31 -3.13 11.20
CA CYS B 156 7.96 -4.53 10.91
C CYS B 156 9.17 -5.31 11.37
N GLU B 157 10.32 -5.03 10.76
CA GLU B 157 11.56 -5.69 11.12
C GLU B 157 12.06 -5.08 12.44
N ASN B 158 11.66 -3.83 12.69
CA ASN B 158 12.06 -3.11 13.91
C ASN B 158 11.47 -3.76 15.15
N TRP B 159 10.51 -4.66 14.95
CA TRP B 159 9.86 -5.37 16.04
C TRP B 159 10.60 -6.66 16.41
N GLU B 160 11.45 -7.14 15.51
CA GLU B 160 12.20 -8.36 15.74
C GLU B 160 13.22 -8.25 16.86
N GLU B 161 13.41 -9.37 17.56
CA GLU B 161 14.31 -9.48 18.70
C GLU B 161 15.76 -9.01 18.49
N ASP B 162 16.40 -9.53 17.45
CA ASP B 162 17.80 -9.21 17.15
C ASP B 162 18.12 -7.83 16.57
N THR B 163 17.17 -6.91 16.58
CA THR B 163 17.42 -5.58 16.06
C THR B 163 18.26 -4.78 17.06
N PRO B 164 19.28 -4.07 16.57
CA PRO B 164 20.22 -3.25 17.35
C PRO B 164 19.58 -2.21 18.26
N PHE B 165 18.57 -1.51 17.75
CA PHE B 165 17.88 -0.48 18.51
C PHE B 165 16.50 -0.91 18.96
N LYS B 166 16.26 -0.83 20.27
CA LYS B 166 14.99 -1.22 20.88
C LYS B 166 13.79 -0.45 20.34
N ASP B 167 14.02 0.78 19.89
CA ASP B 167 12.95 1.62 19.37
C ASP B 167 13.45 2.71 18.44
N PRO B 168 12.55 3.33 17.65
CA PRO B 168 12.88 4.40 16.71
C PRO B 168 13.66 5.54 17.32
N ARG B 169 13.26 5.99 18.51
CA ARG B 169 13.95 7.08 19.20
C ARG B 169 15.40 6.77 19.53
N GLU B 170 15.68 5.52 19.91
CA GLU B 170 17.05 5.13 20.23
C GLU B 170 17.85 5.25 18.95
N LEU B 171 17.28 4.77 17.85
CA LEU B 171 17.92 4.84 16.54
C LEU B 171 18.15 6.30 16.17
N TYR B 172 17.10 7.11 16.32
CA TYR B 172 17.17 8.54 16.02
C TYR B 172 18.30 9.20 16.81
N ASP B 173 18.31 8.97 18.12
CA ASP B 173 19.33 9.55 19.00
C ASP B 173 20.74 9.18 18.58
N PHE B 174 20.91 7.95 18.13
CA PHE B 174 22.20 7.45 17.67
C PHE B 174 22.64 8.27 16.47
N LEU B 175 21.74 8.40 15.49
CA LEU B 175 22.00 9.15 14.27
C LEU B 175 22.38 10.59 14.59
N LYS B 176 21.70 11.15 15.60
CA LYS B 176 21.90 12.52 16.05
C LYS B 176 23.30 12.72 16.64
N THR B 177 23.73 11.74 17.43
CA THR B 177 25.04 11.79 18.08
C THR B 177 26.21 11.43 17.15
N GLU B 178 26.03 10.34 16.41
CA GLU B 178 27.06 9.83 15.50
C GLU B 178 27.09 10.48 14.11
N LYS B 179 26.41 11.61 13.99
CA LYS B 179 26.33 12.39 12.75
C LYS B 179 27.72 12.69 12.18
N PRO B 180 28.09 12.08 11.05
CA PRO B 180 29.40 12.30 10.42
C PRO B 180 29.50 13.63 9.68
N GLU B 181 30.70 13.93 9.20
CA GLU B 181 30.94 15.17 8.45
C GLU B 181 30.38 14.98 7.05
N GLU B 182 30.06 16.08 6.39
CA GLU B 182 29.46 15.99 5.07
C GLU B 182 30.12 16.81 3.99
N GLU B 183 30.15 16.23 2.80
CA GLU B 183 30.70 16.86 1.61
C GLU B 183 29.58 16.73 0.59
N LEU B 184 28.78 17.80 0.49
CA LEU B 184 27.62 17.85 -0.39
C LEU B 184 27.88 17.73 -1.87
N VAL B 185 27.16 16.81 -2.51
CA VAL B 185 27.20 16.58 -3.95
C VAL B 185 25.75 16.33 -4.30
N PHE B 186 25.42 16.14 -5.59
CA PHE B 186 24.05 15.87 -5.92
C PHE B 186 23.74 14.47 -5.40
N SER B 187 22.60 14.34 -4.73
CA SER B 187 22.19 13.06 -4.18
C SER B 187 20.77 12.74 -4.62
N HIS B 188 20.57 11.52 -5.11
CA HIS B 188 19.24 11.10 -5.55
C HIS B 188 18.33 10.89 -4.34
N GLY B 189 18.88 10.34 -3.26
CA GLY B 189 18.08 10.13 -2.06
C GLY B 189 17.51 8.73 -1.87
N ASP B 190 17.33 7.98 -2.95
CA ASP B 190 16.81 6.62 -2.85
C ASP B 190 17.23 5.83 -4.09
N LEU B 191 18.54 5.73 -4.30
CA LEU B 191 19.10 5.01 -5.44
C LEU B 191 18.80 3.52 -5.29
N GLY B 192 17.99 2.99 -6.19
CA GLY B 192 17.61 1.59 -6.14
C GLY B 192 17.04 1.14 -7.47
N ASP B 193 16.92 -0.17 -7.65
CA ASP B 193 16.43 -0.76 -8.89
C ASP B 193 14.97 -0.43 -9.26
N SER B 194 14.24 0.12 -8.30
CA SER B 194 12.84 0.49 -8.51
C SER B 194 12.72 1.94 -8.98
N ASN B 195 13.78 2.72 -8.77
CA ASN B 195 13.77 4.14 -9.13
C ASN B 195 14.73 4.48 -10.27
N ILE B 196 15.29 3.44 -10.88
CA ILE B 196 16.23 3.61 -11.98
C ILE B 196 15.76 2.85 -13.20
N PHE B 197 15.98 3.45 -14.38
CA PHE B 197 15.61 2.84 -15.65
C PHE B 197 16.86 2.71 -16.51
N VAL B 198 16.94 1.61 -17.26
CA VAL B 198 18.08 1.36 -18.13
C VAL B 198 17.70 1.10 -19.58
N LYS B 199 18.52 1.61 -20.49
CA LYS B 199 18.31 1.44 -21.91
C LYS B 199 19.69 1.34 -22.54
N ASP B 200 19.95 0.20 -23.19
CA ASP B 200 21.23 -0.06 -23.84
C ASP B 200 22.36 -0.11 -22.81
N GLY B 201 22.07 -0.75 -21.68
CA GLY B 201 23.05 -0.88 -20.62
C GLY B 201 23.38 0.39 -19.84
N LYS B 202 22.90 1.53 -20.32
CA LYS B 202 23.15 2.82 -19.66
C LYS B 202 21.88 3.36 -19.01
N VAL B 203 22.05 4.09 -17.92
CA VAL B 203 20.91 4.67 -17.20
C VAL B 203 20.14 5.61 -18.10
N SER B 204 18.85 5.37 -18.22
CA SER B 204 17.97 6.15 -19.08
C SER B 204 16.92 6.95 -18.34
N GLY B 205 16.79 6.71 -17.04
CA GLY B 205 15.80 7.45 -16.27
C GLY B 205 15.89 7.34 -14.77
N PHE B 206 15.54 8.42 -14.09
CA PHE B 206 15.52 8.49 -12.63
C PHE B 206 14.17 9.02 -12.18
N ILE B 207 13.59 8.37 -11.18
CA ILE B 207 12.29 8.79 -10.64
C ILE B 207 12.38 8.71 -9.12
N ASP B 208 11.29 9.11 -8.44
CA ASP B 208 11.23 9.08 -6.98
C ASP B 208 12.31 10.05 -6.51
N LEU B 209 12.07 11.32 -6.77
CA LEU B 209 13.01 12.39 -6.48
C LEU B 209 12.76 13.24 -5.26
N GLY B 210 11.87 12.80 -4.37
CA GLY B 210 11.56 13.55 -3.17
C GLY B 210 12.75 13.89 -2.30
N ARG B 211 13.67 12.93 -2.13
CA ARG B 211 14.87 13.14 -1.31
C ARG B 211 16.09 13.59 -2.11
N SER B 212 15.89 13.98 -3.37
CA SER B 212 17.03 14.42 -4.17
C SER B 212 17.43 15.86 -3.84
N GLY B 213 18.72 16.12 -3.95
CA GLY B 213 19.25 17.44 -3.65
C GLY B 213 20.67 17.32 -3.14
N ARG B 214 21.11 18.29 -2.35
CA ARG B 214 22.46 18.22 -1.82
C ARG B 214 22.51 17.33 -0.60
N ALA B 215 23.51 16.45 -0.57
CA ALA B 215 23.72 15.54 0.55
C ALA B 215 25.09 14.95 0.38
N ASP B 216 25.62 14.34 1.43
CA ASP B 216 26.94 13.74 1.39
C ASP B 216 27.01 12.64 0.34
N LYS B 217 28.18 12.53 -0.31
CA LYS B 217 28.37 11.53 -1.35
C LYS B 217 28.17 10.10 -0.90
N TRP B 218 28.45 9.80 0.37
CA TRP B 218 28.33 8.44 0.89
C TRP B 218 26.90 7.94 1.04
N TYR B 219 25.94 8.88 1.03
CA TYR B 219 24.53 8.54 1.15
C TYR B 219 24.11 7.60 0.01
N ASP B 220 24.20 8.07 -1.23
CA ASP B 220 23.84 7.22 -2.37
C ASP B 220 24.73 6.00 -2.51
N ILE B 221 26.01 6.14 -2.21
CA ILE B 221 26.96 5.03 -2.30
C ILE B 221 26.53 3.92 -1.34
N ALA B 222 26.16 4.30 -0.12
CA ALA B 222 25.72 3.35 0.90
C ALA B 222 24.49 2.58 0.41
N PHE B 223 23.57 3.31 -0.25
CA PHE B 223 22.36 2.69 -0.79
C PHE B 223 22.70 1.64 -1.84
N CYS B 224 23.74 1.90 -2.64
CA CYS B 224 24.15 0.95 -3.67
C CYS B 224 24.69 -0.32 -3.03
N VAL B 225 25.46 -0.13 -1.96
CA VAL B 225 26.05 -1.25 -1.22
C VAL B 225 24.91 -2.10 -0.68
N ARG B 226 23.88 -1.44 -0.16
CA ARG B 226 22.71 -2.12 0.38
C ARG B 226 21.99 -2.86 -0.74
N SER B 227 21.84 -2.21 -1.88
CA SER B 227 21.16 -2.82 -3.03
C SER B 227 21.92 -4.04 -3.54
N ILE B 228 23.24 -3.90 -3.66
CA ILE B 228 24.09 -4.98 -4.14
C ILE B 228 23.94 -6.21 -3.25
N ARG B 229 24.07 -6.01 -1.95
CA ARG B 229 23.96 -7.11 -1.00
C ARG B 229 22.60 -7.82 -0.98
N GLU B 230 21.51 -7.07 -0.92
CA GLU B 230 20.19 -7.69 -0.89
C GLU B 230 19.56 -8.04 -2.24
N ASP B 231 20.15 -7.57 -3.33
CA ASP B 231 19.62 -7.88 -4.66
C ASP B 231 20.49 -8.89 -5.41
N ILE B 232 21.80 -8.75 -5.27
CA ILE B 232 22.74 -9.66 -5.93
C ILE B 232 23.15 -10.76 -4.96
N GLY B 233 23.64 -10.35 -3.78
CA GLY B 233 24.04 -11.33 -2.78
C GLY B 233 25.51 -11.43 -2.48
N GLU B 234 26.32 -11.60 -3.52
CA GLU B 234 27.77 -11.75 -3.37
C GLU B 234 28.50 -10.46 -2.98
N GLU B 235 29.30 -10.56 -1.92
CA GLU B 235 30.06 -9.44 -1.40
C GLU B 235 31.18 -9.00 -2.36
N GLN B 236 31.57 -9.89 -3.27
CA GLN B 236 32.62 -9.57 -4.23
C GLN B 236 32.16 -8.44 -5.15
N TYR B 237 30.85 -8.37 -5.38
CA TYR B 237 30.28 -7.34 -6.23
C TYR B 237 30.30 -5.96 -5.57
N VAL B 238 30.47 -5.93 -4.26
CA VAL B 238 30.55 -4.67 -3.53
C VAL B 238 31.97 -4.15 -3.74
N GLU B 239 32.93 -5.07 -3.70
CA GLU B 239 34.33 -4.74 -3.91
C GLU B 239 34.50 -4.22 -5.33
N LEU B 240 33.78 -4.86 -6.25
CA LEU B 240 33.80 -4.47 -7.66
C LEU B 240 33.21 -3.07 -7.79
N PHE B 241 32.11 -2.82 -7.08
CA PHE B 241 31.46 -1.51 -7.11
C PHE B 241 32.49 -0.42 -6.80
N PHE B 242 33.23 -0.61 -5.72
CA PHE B 242 34.23 0.37 -5.31
C PHE B 242 35.43 0.42 -6.27
N ASP B 243 35.75 -0.69 -6.92
CA ASP B 243 36.85 -0.70 -7.89
C ASP B 243 36.45 0.29 -8.99
N LEU B 244 35.22 0.15 -9.48
CA LEU B 244 34.70 1.01 -10.52
C LEU B 244 34.63 2.48 -10.09
N LEU B 245 34.28 2.72 -8.82
CA LEU B 245 34.21 4.08 -8.31
C LEU B 245 35.61 4.66 -8.11
N GLY B 246 36.60 3.79 -7.97
CA GLY B 246 37.97 4.23 -7.78
C GLY B 246 38.25 4.78 -6.39
N ILE B 247 37.46 4.35 -5.41
CA ILE B 247 37.65 4.79 -4.03
C ILE B 247 37.54 3.62 -3.08
N LYS B 248 38.08 3.78 -1.88
CA LYS B 248 38.00 2.76 -0.85
C LYS B 248 36.74 3.04 -0.03
N PRO B 249 36.00 2.00 0.34
CA PRO B 249 34.77 2.17 1.11
C PRO B 249 35.00 2.69 2.53
N ASP B 250 34.16 3.63 2.95
CA ASP B 250 34.23 4.17 4.31
C ASP B 250 33.04 3.51 4.99
N TRP B 251 33.28 2.35 5.58
CA TRP B 251 32.24 1.58 6.23
C TRP B 251 31.50 2.31 7.35
N GLU B 252 32.21 3.13 8.11
CA GLU B 252 31.59 3.87 9.19
C GLU B 252 30.46 4.74 8.64
N LYS B 253 30.72 5.41 7.52
CA LYS B 253 29.72 6.28 6.89
C LYS B 253 28.64 5.45 6.21
N ILE B 254 29.05 4.37 5.56
CA ILE B 254 28.12 3.48 4.88
C ILE B 254 27.08 2.91 5.85
N LYS B 255 27.53 2.41 6.99
CA LYS B 255 26.63 1.85 8.01
C LYS B 255 25.66 2.94 8.46
N TYR B 256 26.19 4.14 8.67
CA TYR B 256 25.40 5.27 9.12
C TYR B 256 24.24 5.59 8.19
N TYR B 257 24.54 5.80 6.91
CA TYR B 257 23.52 6.13 5.93
C TYR B 257 22.49 5.02 5.69
N ILE B 258 22.94 3.78 5.70
CA ILE B 258 22.03 2.65 5.54
C ILE B 258 21.06 2.69 6.73
N LEU B 259 21.61 3.02 7.89
CA LEU B 259 20.86 3.12 9.14
C LEU B 259 19.88 4.28 9.11
N LEU B 260 20.31 5.38 8.48
CA LEU B 260 19.49 6.57 8.34
C LEU B 260 18.17 6.29 7.62
N ASP B 261 18.21 5.44 6.60
CA ASP B 261 17.03 5.10 5.81
C ASP B 261 16.07 4.10 6.45
N GLU B 262 16.50 3.44 7.51
CA GLU B 262 15.66 2.46 8.21
C GLU B 262 14.30 3.03 8.59
N LEU B 263 14.29 4.24 9.16
CA LEU B 263 13.05 4.87 9.59
C LEU B 263 12.26 5.59 8.50
N PHE B 264 12.77 5.58 7.28
CA PHE B 264 12.07 6.23 6.17
C PHE B 264 11.40 5.21 5.25
#